data_1DLE
#
_entry.id   1DLE
#
_cell.length_a   51.643
_cell.length_b   74.259
_cell.length_c   73.258
_cell.angle_alpha   90.00
_cell.angle_beta   95.55
_cell.angle_gamma   90.00
#
_symmetry.space_group_name_H-M   'P 1 21 1'
#
loop_
_entity.id
_entity.type
_entity.pdbx_description
1 polymer 'COMPLEMENT FACTOR B'
2 water water
#
_entity_poly.entity_id   1
_entity_poly.type   'polypeptide(L)'
_entity_poly.pdbx_seq_one_letter_code
;ADPDESQSLSLCGMVWEHRKGTDYHKQPWQAKISVIRPSKGHESCMGAVVSEYFVLTAAHCFTVDDKEHSIKVSVGGEKR
DLEIEVVLFHPNYNINGKKEAGIPEFYDYDVALIKLKNKLKYGQTIRPICLPCTEGTTRALRLPPTTTCQQQKEELLPAQ
DIKALFVSEEEKKLTRKEVYIKNGDKKGSCERDAQYAPGYDKVKDISEVVTPRFLCTGGVSPYADPNTCRGDSGGPLIVH
KRSRFIQVGVISWGVVDVCKNQKRQKQVPAHARDFHINLFQVLPWLKEKLQDEDLGFL
;
_entity_poly.pdbx_strand_id   A,B
#
# COMPACT_ATOMS: atom_id res chain seq x y z
N ALA A 1 -23.36 -11.03 -38.58
CA ALA A 1 -22.12 -11.85 -38.46
C ALA A 1 -21.86 -12.24 -37.00
N ASP A 2 -20.95 -13.18 -36.79
CA ASP A 2 -20.62 -13.64 -35.44
C ASP A 2 -19.68 -12.66 -34.73
N PRO A 3 -20.11 -12.15 -33.55
CA PRO A 3 -19.30 -11.22 -32.77
C PRO A 3 -17.94 -11.75 -32.32
N ASP A 4 -17.81 -13.08 -32.27
CA ASP A 4 -16.56 -13.69 -31.86
C ASP A 4 -15.56 -13.75 -33.02
N GLU A 5 -15.96 -13.23 -34.17
CA GLU A 5 -15.08 -13.21 -35.33
C GLU A 5 -13.75 -12.62 -34.89
N SER A 6 -12.66 -13.30 -35.19
CA SER A 6 -11.32 -12.85 -34.80
C SER A 6 -11.06 -11.39 -35.18
N GLN A 7 -11.41 -11.02 -36.40
CA GLN A 7 -11.19 -9.65 -36.85
C GLN A 7 -12.01 -8.66 -36.02
N SER A 8 -13.25 -9.03 -35.71
CA SER A 8 -14.14 -8.18 -34.93
C SER A 8 -13.71 -8.03 -33.47
N LEU A 9 -12.96 -9.02 -32.97
CA LEU A 9 -12.48 -9.01 -31.60
C LEU A 9 -11.25 -8.12 -31.40
N SER A 10 -10.50 -7.88 -32.47
CA SER A 10 -9.30 -7.06 -32.38
C SER A 10 -9.59 -5.56 -32.51
N LEU A 11 -10.86 -5.20 -32.65
CA LEU A 11 -11.26 -3.80 -32.78
C LEU A 11 -11.20 -3.13 -31.40
N CYS A 12 -10.33 -2.13 -31.26
CA CYS A 12 -10.16 -1.43 -29.98
C CYS A 12 -11.32 -0.53 -29.57
N GLY A 13 -11.44 -0.31 -28.26
CA GLY A 13 -12.46 0.56 -27.72
C GLY A 13 -13.93 0.27 -28.02
N MET A 14 -14.27 -1.00 -28.19
CA MET A 14 -15.67 -1.32 -28.48
C MET A 14 -16.34 -2.12 -27.37
N VAL A 15 -17.65 -1.89 -27.20
CA VAL A 15 -18.43 -2.58 -26.19
C VAL A 15 -19.73 -3.08 -26.83
N LYS A 20 -26.18 -5.68 -21.15
CA LYS A 20 -26.21 -6.72 -20.08
C LYS A 20 -24.86 -7.39 -19.87
N GLY A 21 -24.87 -8.51 -19.14
CA GLY A 21 -23.63 -9.22 -18.85
C GLY A 21 -22.99 -8.68 -17.59
N THR A 22 -21.82 -9.19 -17.25
CA THR A 22 -21.10 -8.74 -16.06
C THR A 22 -20.49 -7.38 -16.35
N ASP A 23 -19.71 -6.88 -15.41
CA ASP A 23 -19.09 -5.55 -15.54
C ASP A 23 -17.82 -5.61 -16.39
N TYR A 24 -17.38 -6.82 -16.73
CA TYR A 24 -16.16 -6.98 -17.53
C TYR A 24 -16.52 -6.98 -19.01
N HIS A 25 -17.77 -7.25 -19.29
CA HIS A 25 -18.28 -7.18 -20.65
C HIS A 25 -18.39 -5.71 -21.01
N LYS A 26 -18.56 -4.93 -19.95
CA LYS A 26 -18.71 -3.48 -20.02
C LYS A 26 -17.35 -2.79 -20.11
N GLN A 27 -16.32 -3.43 -19.57
CA GLN A 27 -14.98 -2.86 -19.58
C GLN A 27 -13.91 -3.92 -19.89
N PRO A 28 -13.96 -4.50 -21.11
CA PRO A 28 -13.06 -5.53 -21.65
C PRO A 28 -11.56 -5.26 -21.61
N TRP A 29 -11.19 -3.99 -21.52
CA TRP A 29 -9.77 -3.60 -21.49
C TRP A 29 -9.17 -3.54 -20.09
N GLN A 30 -10.03 -3.52 -19.08
CA GLN A 30 -9.61 -3.42 -17.69
C GLN A 30 -8.76 -4.57 -17.16
N ALA A 31 -7.62 -4.22 -16.55
CA ALA A 31 -6.71 -5.19 -15.97
C ALA A 31 -6.52 -4.89 -14.48
N LYS A 32 -6.38 -5.94 -13.67
CA LYS A 32 -6.19 -5.79 -12.23
C LYS A 32 -4.75 -6.22 -11.90
N ILE A 33 -4.11 -5.45 -11.03
CA ILE A 33 -2.72 -5.71 -10.66
C ILE A 33 -2.49 -5.62 -9.15
N SER A 34 -1.88 -6.67 -8.60
CA SER A 34 -1.57 -6.71 -7.17
C SER A 34 -0.12 -7.04 -6.96
N VAL A 35 0.56 -6.22 -6.18
CA VAL A 35 1.97 -6.44 -5.87
C VAL A 35 1.98 -6.81 -4.39
N ILE A 36 2.13 -8.11 -4.13
CA ILE A 36 2.07 -8.62 -2.78
C ILE A 36 3.40 -8.72 -2.02
N ARG A 37 3.30 -8.57 -0.72
CA ARG A 37 4.46 -8.65 0.16
C ARG A 37 4.02 -9.25 1.48
N PRO A 38 4.93 -9.97 2.16
CA PRO A 38 4.60 -10.60 3.44
C PRO A 38 3.98 -9.67 4.49
N SER A 39 4.46 -8.42 4.59
CA SER A 39 3.91 -7.50 5.59
C SER A 39 2.41 -7.24 5.43
N LYS A 40 1.84 -7.69 4.31
CA LYS A 40 0.41 -7.55 4.02
C LYS A 40 0.00 -6.21 3.40
N GLY A 41 0.95 -5.28 3.26
CA GLY A 41 0.65 -3.99 2.67
C GLY A 41 0.82 -4.05 1.16
N HIS A 42 -0.07 -4.83 0.52
CA HIS A 42 -0.07 -5.06 -0.91
C HIS A 42 -0.42 -3.81 -1.72
N GLU A 43 0.17 -3.70 -2.90
CA GLU A 43 -0.15 -2.58 -3.77
C GLU A 43 -1.34 -3.06 -4.58
N SER A 44 -2.24 -2.13 -4.90
CA SER A 44 -3.41 -2.43 -5.69
C SER A 44 -3.50 -1.40 -6.80
N CYS A 45 -3.58 -1.87 -8.03
CA CYS A 45 -3.65 -0.98 -9.16
C CYS A 45 -4.46 -1.62 -10.25
N MET A 46 -4.69 -0.86 -11.32
CA MET A 46 -5.40 -1.35 -12.47
C MET A 46 -4.58 -0.98 -13.68
N GLY A 47 -4.97 -1.51 -14.83
CA GLY A 47 -4.25 -1.22 -16.07
C GLY A 47 -5.18 -1.44 -17.23
N ALA A 48 -4.65 -1.30 -18.44
CA ALA A 48 -5.47 -1.48 -19.62
C ALA A 48 -4.78 -2.34 -20.66
N VAL A 49 -5.54 -3.26 -21.22
CA VAL A 49 -5.02 -4.13 -22.26
C VAL A 49 -4.88 -3.24 -23.50
N VAL A 50 -3.65 -3.00 -23.93
CA VAL A 50 -3.44 -2.16 -25.11
C VAL A 50 -3.28 -3.04 -26.33
N SER A 51 -2.67 -4.21 -26.15
CA SER A 51 -2.44 -5.16 -27.24
C SER A 51 -2.59 -6.61 -26.75
N GLU A 52 -2.08 -7.54 -27.54
CA GLU A 52 -2.17 -8.96 -27.22
C GLU A 52 -1.16 -9.38 -26.16
N TYR A 53 -0.03 -8.68 -26.11
CA TYR A 53 1.02 -8.98 -25.14
C TYR A 53 1.29 -7.87 -24.13
N PHE A 54 0.53 -6.78 -24.17
CA PHE A 54 0.80 -5.67 -23.25
C PHE A 54 -0.36 -5.08 -22.47
N VAL A 55 -0.09 -4.74 -21.22
CA VAL A 55 -1.06 -4.10 -20.35
C VAL A 55 -0.38 -2.83 -19.87
N LEU A 56 -1.03 -1.69 -20.11
CA LEU A 56 -0.48 -0.39 -19.71
C LEU A 56 -0.99 0.02 -18.34
N THR A 57 -0.10 0.59 -17.53
CA THR A 57 -0.47 1.03 -16.19
C THR A 57 0.57 2.02 -15.66
N ALA A 58 0.52 2.33 -14.37
CA ALA A 58 1.46 3.28 -13.77
C ALA A 58 2.73 2.63 -13.25
N ALA A 59 3.83 3.38 -13.32
CA ALA A 59 5.11 2.89 -12.85
C ALA A 59 5.17 2.77 -11.33
N HIS A 60 4.59 3.72 -10.62
CA HIS A 60 4.65 3.70 -9.15
C HIS A 60 4.06 2.44 -8.52
N CYS A 61 3.20 1.73 -9.24
CA CYS A 61 2.59 0.52 -8.73
C CYS A 61 3.56 -0.59 -8.37
N PHE A 62 4.67 -0.68 -9.11
CA PHE A 62 5.65 -1.74 -8.88
C PHE A 62 6.66 -1.46 -7.77
N THR A 63 6.31 -1.85 -6.53
CA THR A 63 7.16 -1.63 -5.38
C THR A 63 7.85 -2.88 -4.86
N VAL A 64 7.72 -3.98 -5.59
CA VAL A 64 8.38 -5.23 -5.25
C VAL A 64 8.98 -5.78 -6.53
N ASP A 65 10.31 -5.76 -6.61
CA ASP A 65 11.01 -6.24 -7.79
C ASP A 65 10.98 -7.76 -7.93
N ASP A 66 9.81 -8.33 -8.21
CA ASP A 66 9.68 -9.78 -8.38
C ASP A 66 8.49 -10.15 -9.27
N LYS A 67 8.74 -10.13 -10.59
CA LYS A 67 7.73 -10.43 -11.58
C LYS A 67 7.38 -11.91 -11.58
N GLU A 68 8.25 -12.71 -10.96
CA GLU A 68 8.05 -14.14 -10.90
C GLU A 68 6.95 -14.57 -9.92
N HIS A 69 6.92 -13.99 -8.72
CA HIS A 69 5.92 -14.42 -7.74
C HIS A 69 5.13 -13.37 -6.99
N SER A 70 5.58 -12.13 -7.04
CA SER A 70 4.89 -11.08 -6.28
C SER A 70 4.02 -10.11 -7.07
N ILE A 71 3.94 -10.27 -8.39
CA ILE A 71 3.11 -9.37 -9.18
C ILE A 71 1.98 -10.12 -9.89
N LYS A 72 0.78 -10.00 -9.34
CA LYS A 72 -0.39 -10.68 -9.87
C LYS A 72 -1.20 -9.82 -10.84
N VAL A 73 -1.26 -10.26 -12.10
CA VAL A 73 -2.02 -9.54 -13.13
C VAL A 73 -3.13 -10.44 -13.65
N SER A 74 -4.33 -9.89 -13.75
CA SER A 74 -5.47 -10.64 -14.26
C SER A 74 -6.34 -9.75 -15.16
N VAL A 75 -7.00 -10.37 -16.13
CA VAL A 75 -7.87 -9.64 -17.04
C VAL A 75 -9.14 -10.43 -17.30
N GLY A 76 -10.10 -9.79 -17.95
CA GLY A 76 -11.35 -10.45 -18.29
C GLY A 76 -12.08 -11.08 -17.12
N GLY A 77 -11.99 -10.47 -15.95
CA GLY A 77 -12.67 -11.01 -14.79
C GLY A 77 -12.13 -12.37 -14.35
N GLU A 78 -11.13 -12.86 -15.07
CA GLU A 78 -10.52 -14.16 -14.76
C GLU A 78 -9.87 -14.12 -13.38
N LYS A 79 -9.99 -15.21 -12.65
CA LYS A 79 -9.40 -15.29 -11.33
C LYS A 79 -7.94 -15.71 -11.41
N ARG A 80 -7.54 -16.15 -12.60
CA ARG A 80 -6.17 -16.60 -12.85
C ARG A 80 -5.20 -15.44 -13.07
N ASP A 81 -3.96 -15.61 -12.64
CA ASP A 81 -2.93 -14.57 -12.80
C ASP A 81 -2.03 -14.92 -13.98
N LEU A 82 -1.67 -13.91 -14.77
CA LEU A 82 -0.84 -14.12 -15.95
C LEU A 82 0.66 -14.02 -15.76
N GLU A 83 1.38 -14.93 -16.41
CA GLU A 83 2.82 -14.95 -16.34
C GLU A 83 3.35 -13.66 -16.96
N ILE A 84 4.44 -13.14 -16.42
CA ILE A 84 5.02 -11.90 -16.92
C ILE A 84 6.41 -12.07 -17.50
N GLU A 85 6.60 -11.59 -18.72
CA GLU A 85 7.89 -11.66 -19.37
C GLU A 85 8.78 -10.60 -18.73
N VAL A 86 8.33 -9.34 -18.80
CA VAL A 86 9.08 -8.24 -18.22
C VAL A 86 8.17 -7.03 -18.03
N VAL A 87 8.54 -6.17 -17.09
CA VAL A 87 7.79 -4.95 -16.82
C VAL A 87 8.68 -3.80 -17.31
N LEU A 88 8.15 -2.98 -18.20
CA LEU A 88 8.92 -1.86 -18.75
C LEU A 88 8.50 -0.52 -18.13
N PHE A 89 9.47 0.20 -17.58
CA PHE A 89 9.23 1.49 -16.96
C PHE A 89 9.74 2.61 -17.87
N HIS A 90 8.98 3.68 -18.01
CA HIS A 90 9.43 4.79 -18.84
C HIS A 90 10.82 5.15 -18.33
N PRO A 91 11.78 5.32 -19.25
CA PRO A 91 13.16 5.65 -18.88
C PRO A 91 13.36 6.94 -18.09
N ASN A 92 12.41 7.87 -18.19
CA ASN A 92 12.51 9.14 -17.47
C ASN A 92 11.86 9.12 -16.09
N TYR A 93 11.27 7.98 -15.72
CA TYR A 93 10.60 7.84 -14.42
C TYR A 93 11.58 7.64 -13.29
N ASN A 94 11.42 8.45 -12.23
CA ASN A 94 12.26 8.38 -11.05
C ASN A 94 11.53 9.06 -9.90
N ILE A 95 10.80 8.26 -9.12
CA ILE A 95 10.01 8.77 -8.01
C ILE A 95 10.79 9.56 -6.96
N ASN A 96 12.08 9.30 -6.86
CA ASN A 96 12.94 10.00 -5.89
C ASN A 96 13.73 11.13 -6.57
N GLY A 97 13.42 11.39 -7.83
CA GLY A 97 14.11 12.41 -8.60
C GLY A 97 14.28 13.81 -8.03
N LYS A 98 13.45 14.19 -7.05
CA LYS A 98 13.56 15.51 -6.47
C LYS A 98 13.49 15.49 -4.96
N LYS A 99 13.94 14.40 -4.37
CA LYS A 99 13.95 14.24 -2.92
C LYS A 99 14.66 15.42 -2.27
N GLU A 100 15.88 15.68 -2.72
CA GLU A 100 16.71 16.77 -2.21
C GLU A 100 16.02 18.14 -2.29
N ALA A 101 15.04 18.25 -3.18
CA ALA A 101 14.31 19.49 -3.37
C ALA A 101 13.05 19.57 -2.50
N GLY A 102 12.91 18.66 -1.56
CA GLY A 102 11.74 18.68 -0.70
C GLY A 102 10.52 17.96 -1.23
N ILE A 103 10.70 17.27 -2.37
CA ILE A 103 9.60 16.53 -2.98
C ILE A 103 9.88 15.04 -2.78
N PRO A 104 9.14 14.40 -1.85
CA PRO A 104 9.29 12.99 -1.52
C PRO A 104 9.09 12.05 -2.69
N GLU A 105 7.95 12.15 -3.37
CA GLU A 105 7.66 11.29 -4.52
C GLU A 105 7.30 12.18 -5.74
N PHE A 106 8.08 11.99 -6.79
CA PHE A 106 7.94 12.70 -8.09
C PHE A 106 7.35 11.73 -9.10
N TYR A 107 6.18 12.06 -9.63
CA TYR A 107 5.44 11.14 -10.52
C TYR A 107 5.55 11.45 -12.01
N ASP A 108 6.53 12.23 -12.39
CA ASP A 108 6.73 12.54 -13.82
C ASP A 108 7.02 11.23 -14.57
N TYR A 109 6.34 11.08 -15.70
CA TYR A 109 6.50 9.90 -16.58
C TYR A 109 6.09 8.62 -15.85
N ASP A 110 5.07 8.71 -15.00
CA ASP A 110 4.58 7.57 -14.22
C ASP A 110 3.82 6.54 -15.05
N VAL A 111 4.51 5.91 -16.00
CA VAL A 111 3.85 4.89 -16.83
C VAL A 111 4.76 3.70 -17.02
N ALA A 112 4.15 2.52 -17.11
CA ALA A 112 4.92 1.29 -17.29
C ALA A 112 4.12 0.30 -18.11
N LEU A 113 4.82 -0.58 -18.82
CA LEU A 113 4.18 -1.59 -19.64
C LEU A 113 4.47 -2.99 -19.10
N ILE A 114 3.41 -3.78 -18.97
CA ILE A 114 3.55 -5.15 -18.50
C ILE A 114 3.52 -6.03 -19.76
N LYS A 115 4.62 -6.73 -20.01
CA LYS A 115 4.67 -7.62 -21.17
C LYS A 115 4.39 -9.04 -20.70
N LEU A 116 3.19 -9.53 -21.04
CA LEU A 116 2.76 -10.87 -20.66
C LEU A 116 3.49 -11.94 -21.47
N LYS A 117 3.78 -13.08 -20.84
CA LYS A 117 4.47 -14.17 -21.53
C LYS A 117 3.59 -14.83 -22.58
N ASN A 118 2.31 -15.01 -22.26
CA ASN A 118 1.39 -15.64 -23.19
C ASN A 118 0.45 -14.63 -23.81
N LYS A 119 0.06 -14.87 -25.06
CA LYS A 119 -0.83 -13.99 -25.79
C LYS A 119 -2.21 -13.92 -25.16
N LEU A 120 -2.78 -12.73 -25.16
CA LEU A 120 -4.13 -12.54 -24.64
C LEU A 120 -5.10 -12.98 -25.73
N LYS A 121 -6.04 -13.83 -25.37
CA LYS A 121 -7.02 -14.28 -26.34
C LYS A 121 -8.27 -13.44 -26.17
N TYR A 122 -8.38 -12.42 -27.02
CA TYR A 122 -9.51 -11.50 -27.00
C TYR A 122 -10.85 -12.23 -26.97
N GLY A 123 -11.87 -11.61 -26.38
CA GLY A 123 -13.16 -12.25 -26.31
C GLY A 123 -14.26 -11.32 -25.87
N GLN A 124 -15.32 -11.87 -25.30
CA GLN A 124 -16.45 -11.06 -24.86
C GLN A 124 -16.10 -10.25 -23.60
N THR A 125 -15.01 -10.62 -22.94
CA THR A 125 -14.59 -9.95 -21.73
C THR A 125 -13.15 -9.44 -21.80
N ILE A 126 -12.47 -9.74 -22.90
CA ILE A 126 -11.07 -9.31 -23.09
C ILE A 126 -10.89 -8.68 -24.47
N ARG A 127 -10.62 -7.38 -24.45
CA ARG A 127 -10.43 -6.58 -25.67
C ARG A 127 -9.52 -5.37 -25.43
N PRO A 128 -8.59 -5.02 -26.34
CA PRO A 128 -7.69 -3.89 -26.18
C PRO A 128 -8.47 -2.63 -26.29
N ILE A 129 -7.91 -1.57 -25.65
CA ILE A 129 -8.47 -0.20 -25.74
C ILE A 129 -7.63 0.58 -26.76
N CYS A 130 -8.25 1.57 -27.35
CA CYS A 130 -7.58 2.39 -28.39
C CYS A 130 -6.53 3.32 -27.77
N LEU A 131 -5.39 3.43 -28.43
CA LEU A 131 -4.31 4.29 -27.98
C LEU A 131 -4.13 5.48 -28.93
N PRO A 132 -3.79 6.65 -28.39
CA PRO A 132 -3.60 7.84 -29.21
C PRO A 132 -2.72 7.63 -30.44
N CYS A 133 -3.06 8.34 -31.51
CA CYS A 133 -2.30 8.31 -32.74
C CYS A 133 -2.00 6.93 -33.33
N THR A 134 -3.06 6.19 -33.62
CA THR A 134 -2.96 4.86 -34.19
C THR A 134 -4.08 4.70 -35.22
N GLU A 135 -3.86 3.86 -36.22
CA GLU A 135 -4.87 3.63 -37.26
C GLU A 135 -6.22 3.42 -36.60
N GLY A 136 -6.27 2.52 -35.63
CA GLY A 136 -7.51 2.21 -34.94
C GLY A 136 -8.28 3.41 -34.43
N THR A 137 -7.60 4.31 -33.73
CA THR A 137 -8.27 5.48 -33.17
C THR A 137 -8.89 6.39 -34.24
N THR A 138 -8.15 6.68 -35.30
CA THR A 138 -8.68 7.53 -36.36
C THR A 138 -10.05 7.00 -36.82
N ARG A 139 -10.15 5.69 -36.98
CA ARG A 139 -11.41 5.09 -37.40
C ARG A 139 -12.49 5.21 -36.33
N ALA A 140 -12.14 4.89 -35.10
CA ALA A 140 -13.11 4.98 -34.00
C ALA A 140 -13.70 6.37 -33.95
N LEU A 141 -12.88 7.35 -34.33
CA LEU A 141 -13.30 8.75 -34.32
C LEU A 141 -14.08 9.14 -35.58
N ARG A 142 -14.12 8.24 -36.56
CA ARG A 142 -14.81 8.50 -37.83
C ARG A 142 -14.10 9.64 -38.57
N LEU A 143 -12.77 9.55 -38.62
CA LEU A 143 -11.98 10.58 -39.29
C LEU A 143 -11.40 10.04 -40.59
N PRO A 144 -11.11 10.93 -41.55
CA PRO A 144 -10.53 10.49 -42.83
C PRO A 144 -9.19 9.81 -42.59
N PRO A 145 -8.76 8.95 -43.52
CA PRO A 145 -7.50 8.22 -43.41
C PRO A 145 -6.26 9.10 -43.46
N THR A 146 -6.46 10.40 -43.67
CA THR A 146 -5.34 11.32 -43.73
C THR A 146 -4.93 11.85 -42.35
N THR A 147 -5.80 11.65 -41.37
CA THR A 147 -5.56 12.11 -40.00
C THR A 147 -4.13 11.93 -39.49
N THR A 148 -3.62 12.96 -38.83
CA THR A 148 -2.27 12.93 -38.25
C THR A 148 -2.41 12.88 -36.72
N CYS A 149 -1.30 12.73 -36.01
CA CYS A 149 -1.32 12.64 -34.55
C CYS A 149 -1.86 13.93 -33.95
N GLN A 150 -1.35 15.06 -34.43
CA GLN A 150 -1.78 16.35 -33.94
C GLN A 150 -3.28 16.53 -34.13
N GLN A 151 -3.78 16.08 -35.27
CA GLN A 151 -5.21 16.18 -35.55
C GLN A 151 -6.01 15.40 -34.52
N GLN A 152 -5.56 14.19 -34.21
CA GLN A 152 -6.24 13.36 -33.22
C GLN A 152 -6.26 14.06 -31.87
N LYS A 153 -5.15 14.73 -31.53
CA LYS A 153 -5.04 15.45 -30.29
C LYS A 153 -6.09 16.56 -30.21
N GLU A 154 -6.12 17.41 -31.24
CA GLU A 154 -7.07 18.51 -31.28
C GLU A 154 -8.48 17.94 -31.20
N GLU A 155 -8.64 16.71 -31.66
CA GLU A 155 -9.93 16.02 -31.66
C GLU A 155 -10.31 15.45 -30.30
N LEU A 156 -9.33 14.86 -29.61
CA LEU A 156 -9.54 14.24 -28.31
C LEU A 156 -9.29 15.17 -27.13
N LEU A 157 -8.22 15.97 -27.21
CA LEU A 157 -7.88 16.89 -26.13
C LEU A 157 -8.00 18.37 -26.48
N PRO A 158 -9.23 18.86 -26.69
CA PRO A 158 -9.37 20.29 -27.00
C PRO A 158 -9.02 21.16 -25.79
N ALA A 159 -8.73 22.43 -26.05
CA ALA A 159 -8.39 23.36 -24.97
C ALA A 159 -9.65 23.85 -24.25
N GLN A 160 -10.29 22.91 -23.57
CA GLN A 160 -11.53 23.17 -22.81
C GLN A 160 -11.70 22.06 -21.77
N ASP A 161 -12.85 22.11 -21.11
CA ASP A 161 -13.22 21.06 -20.15
C ASP A 161 -13.62 19.83 -20.96
N ILE A 162 -12.81 18.80 -20.85
CA ILE A 162 -13.04 17.59 -21.65
C ILE A 162 -13.69 16.48 -20.84
N LYS A 163 -14.91 16.16 -21.28
CA LYS A 163 -15.70 15.07 -20.70
C LYS A 163 -14.86 13.79 -20.84
N ALA A 164 -14.77 13.01 -19.76
CA ALA A 164 -14.00 11.77 -19.81
C ALA A 164 -14.40 10.84 -18.67
N LEU A 165 -13.78 9.68 -18.61
CA LEU A 165 -14.11 8.74 -17.55
C LEU A 165 -12.97 7.78 -17.23
N PHE A 166 -13.10 7.15 -16.07
CA PHE A 166 -12.14 6.15 -15.63
C PHE A 166 -12.98 5.08 -14.95
N VAL A 167 -12.46 3.85 -14.90
CA VAL A 167 -13.17 2.76 -14.29
C VAL A 167 -12.73 2.58 -12.85
N SER A 168 -13.69 2.63 -11.93
CA SER A 168 -13.38 2.48 -10.51
C SER A 168 -14.02 1.19 -9.99
N GLU A 169 -13.47 0.71 -8.90
CA GLU A 169 -13.93 -0.53 -8.26
C GLU A 169 -14.32 -0.27 -6.81
N GLU A 170 -15.58 -0.55 -6.54
CA GLU A 170 -16.17 -0.39 -5.21
C GLU A 170 -17.10 -1.56 -4.90
N GLU A 171 -16.63 -2.37 -3.98
CA GLU A 171 -17.36 -3.55 -3.47
C GLU A 171 -17.61 -4.58 -4.59
N LYS A 172 -16.51 -5.21 -4.99
CA LYS A 172 -16.49 -6.31 -5.97
C LYS A 172 -16.81 -5.88 -7.41
N LYS A 173 -17.60 -4.81 -7.57
CA LYS A 173 -18.05 -4.38 -8.90
C LYS A 173 -17.29 -3.12 -9.34
N LEU A 174 -17.10 -3.07 -10.68
CA LEU A 174 -16.45 -1.94 -11.39
C LEU A 174 -17.55 -0.99 -11.89
N THR A 175 -17.20 0.27 -11.98
CA THR A 175 -18.14 1.31 -12.44
C THR A 175 -17.42 2.44 -13.15
N ARG A 176 -18.11 3.09 -14.07
CA ARG A 176 -17.53 4.20 -14.82
C ARG A 176 -17.85 5.52 -14.15
N LYS A 177 -16.81 6.33 -13.94
CA LYS A 177 -16.96 7.63 -13.31
C LYS A 177 -16.68 8.74 -14.31
N GLU A 178 -17.66 9.61 -14.53
CA GLU A 178 -17.49 10.72 -15.46
C GLU A 178 -16.71 11.84 -14.80
N VAL A 179 -15.64 12.26 -15.45
CA VAL A 179 -14.82 13.33 -14.92
C VAL A 179 -14.56 14.33 -16.04
N TYR A 180 -14.05 15.50 -15.66
CA TYR A 180 -13.73 16.52 -16.64
C TYR A 180 -12.27 16.92 -16.52
N ILE A 181 -11.55 16.79 -17.62
CA ILE A 181 -10.15 17.19 -17.67
C ILE A 181 -10.16 18.70 -17.88
N LYS A 182 -9.46 19.43 -17.02
CA LYS A 182 -9.40 20.88 -17.14
C LYS A 182 -8.24 21.24 -18.08
N ASN A 183 -8.54 21.32 -19.36
CA ASN A 183 -7.52 21.62 -20.34
C ASN A 183 -7.67 23.01 -20.97
N GLY A 184 -8.63 23.77 -20.46
CA GLY A 184 -8.86 25.12 -20.96
C GLY A 184 -8.51 26.16 -19.92
N ASP A 185 -9.40 27.13 -19.70
CA ASP A 185 -9.12 28.19 -18.72
C ASP A 185 -9.15 27.76 -17.26
N LYS A 186 -9.62 26.54 -16.99
CA LYS A 186 -9.67 26.05 -15.61
C LYS A 186 -8.42 25.24 -15.31
N LYS A 187 -7.58 25.06 -16.33
CA LYS A 187 -6.35 24.30 -16.20
C LYS A 187 -5.47 24.74 -15.03
N GLY A 188 -5.14 26.02 -14.98
CA GLY A 188 -4.30 26.54 -13.91
C GLY A 188 -4.84 26.31 -12.51
N SER A 189 -6.14 26.55 -12.33
CA SER A 189 -6.77 26.35 -11.03
C SER A 189 -6.64 24.91 -10.58
N CYS A 190 -6.84 24.00 -11.52
CA CYS A 190 -6.77 22.56 -11.23
C CYS A 190 -5.37 22.17 -10.78
N GLU A 191 -4.36 22.58 -11.54
CA GLU A 191 -2.97 22.24 -11.23
C GLU A 191 -2.45 22.86 -9.94
N ARG A 192 -2.85 24.10 -9.67
CA ARG A 192 -2.39 24.78 -8.48
C ARG A 192 -2.82 24.06 -7.20
N ASP A 193 -3.92 23.32 -7.26
CA ASP A 193 -4.39 22.59 -6.08
C ASP A 193 -3.48 21.41 -5.71
N ALA A 194 -2.48 21.14 -6.55
CA ALA A 194 -1.55 20.05 -6.28
C ALA A 194 -0.82 20.36 -4.97
N GLN A 195 -0.87 21.62 -4.56
CA GLN A 195 -0.22 22.07 -3.34
C GLN A 195 -0.76 21.41 -2.08
N TYR A 196 -1.97 20.87 -2.16
CA TYR A 196 -2.60 20.24 -1.01
C TYR A 196 -2.36 18.73 -0.97
N ALA A 197 -1.58 18.21 -1.92
CA ALA A 197 -1.31 16.77 -1.95
C ALA A 197 -0.20 16.34 -0.99
N PRO A 198 -0.25 15.09 -0.53
CA PRO A 198 0.73 14.54 0.41
C PRO A 198 2.19 14.91 0.10
N GLY A 199 2.88 15.42 1.12
CA GLY A 199 4.28 15.77 0.99
C GLY A 199 4.62 17.02 0.20
N TYR A 200 3.61 17.62 -0.41
CA TYR A 200 3.81 18.82 -1.22
C TYR A 200 3.51 20.08 -0.43
N ASP A 201 3.48 19.96 0.89
CA ASP A 201 3.18 21.07 1.79
C ASP A 201 4.04 22.31 1.54
N LYS A 202 5.32 22.12 1.26
CA LYS A 202 6.19 23.26 1.04
C LYS A 202 6.63 23.50 -0.39
N VAL A 203 5.79 23.15 -1.35
CA VAL A 203 6.11 23.37 -2.76
C VAL A 203 5.67 24.76 -3.21
N LYS A 204 6.65 25.61 -3.53
CA LYS A 204 6.37 26.96 -3.98
C LYS A 204 5.87 26.96 -5.43
N ASP A 205 6.73 26.55 -6.35
CA ASP A 205 6.35 26.51 -7.77
C ASP A 205 5.74 25.16 -8.14
N ILE A 206 4.42 25.15 -8.34
CA ILE A 206 3.70 23.92 -8.69
C ILE A 206 4.25 23.19 -9.92
N SER A 207 4.94 23.91 -10.78
CA SER A 207 5.52 23.30 -11.97
C SER A 207 6.48 22.19 -11.56
N GLU A 208 7.00 22.28 -10.34
CA GLU A 208 7.93 21.26 -9.85
C GLU A 208 7.27 19.88 -9.71
N VAL A 209 6.00 19.84 -9.31
CA VAL A 209 5.30 18.57 -9.14
C VAL A 209 4.34 18.25 -10.30
N VAL A 210 3.76 19.26 -10.89
CA VAL A 210 2.84 19.06 -12.03
C VAL A 210 3.53 19.51 -13.32
N THR A 211 4.22 18.56 -13.92
CA THR A 211 4.95 18.78 -15.18
C THR A 211 4.02 18.65 -16.37
N PRO A 212 4.36 19.19 -17.55
CA PRO A 212 3.50 19.18 -18.72
C PRO A 212 3.19 17.78 -19.15
N ARG A 213 3.46 16.73 -18.40
CA ARG A 213 3.09 15.34 -18.81
C ARG A 213 1.83 14.87 -18.08
N PHE A 214 1.13 15.84 -17.48
CA PHE A 214 -0.06 15.54 -16.67
C PHE A 214 -1.32 16.29 -17.12
N LEU A 215 -2.41 15.54 -16.98
CA LEU A 215 -3.78 15.99 -17.21
C LEU A 215 -4.40 16.14 -15.82
N CYS A 216 -5.34 17.04 -15.67
CA CYS A 216 -5.91 17.31 -14.34
C CYS A 216 -7.43 17.21 -14.31
N THR A 217 -7.94 16.42 -13.38
CA THR A 217 -9.37 16.26 -13.22
C THR A 217 -9.71 16.54 -11.76
N GLY A 218 -10.97 16.37 -11.40
CA GLY A 218 -11.38 16.61 -10.03
C GLY A 218 -11.89 18.02 -9.79
N GLY A 219 -12.25 18.30 -8.54
CA GLY A 219 -12.76 19.62 -8.19
C GLY A 219 -14.27 19.67 -8.29
N VAL A 220 -14.84 20.87 -8.11
CA VAL A 220 -16.28 21.06 -8.16
C VAL A 220 -16.74 21.96 -9.31
N SER A 221 -15.82 22.36 -10.18
CA SER A 221 -16.16 23.17 -11.33
C SER A 221 -15.43 22.59 -12.54
N PRO A 222 -16.12 22.49 -13.68
CA PRO A 222 -17.52 22.91 -13.89
C PRO A 222 -18.54 22.10 -13.11
N TYR A 223 -18.19 20.88 -12.74
CA TYR A 223 -19.11 20.03 -11.99
C TYR A 223 -18.40 19.26 -10.88
N ALA A 224 -19.19 18.72 -9.96
CA ALA A 224 -18.67 17.94 -8.85
C ALA A 224 -18.15 16.66 -9.45
N ASP A 225 -16.82 16.56 -9.56
CA ASP A 225 -16.17 15.39 -10.14
C ASP A 225 -15.89 14.31 -9.10
N PRO A 226 -16.05 13.04 -9.48
CA PRO A 226 -15.76 11.97 -8.52
C PRO A 226 -14.24 11.80 -8.56
N ASN A 227 -13.65 11.22 -7.52
CA ASN A 227 -12.20 11.04 -7.48
C ASN A 227 -11.80 9.56 -7.54
N THR A 228 -10.55 9.31 -7.91
CA THR A 228 -10.06 7.95 -8.02
C THR A 228 -9.79 7.33 -6.65
N CYS A 229 -10.10 6.05 -6.52
CA CYS A 229 -9.87 5.30 -5.28
C CYS A 229 -8.45 4.76 -5.36
N ARG A 230 -7.81 4.57 -4.21
CA ARG A 230 -6.46 4.04 -4.16
C ARG A 230 -6.26 2.90 -5.15
N GLY A 231 -7.20 1.96 -5.17
CA GLY A 231 -7.11 0.82 -6.06
C GLY A 231 -7.29 1.04 -7.56
N ASP A 232 -7.79 2.22 -7.94
CA ASP A 232 -8.01 2.55 -9.35
C ASP A 232 -6.72 3.05 -10.01
N SER A 233 -5.73 3.39 -9.19
CA SER A 233 -4.44 3.92 -9.68
C SER A 233 -3.84 3.09 -10.81
N GLY A 234 -3.26 3.80 -11.76
CA GLY A 234 -2.60 3.19 -12.93
C GLY A 234 -3.64 2.81 -13.98
N GLY A 235 -4.90 3.03 -13.64
CA GLY A 235 -6.03 2.73 -14.52
C GLY A 235 -6.13 3.76 -15.65
N PRO A 236 -6.74 3.45 -16.82
CA PRO A 236 -6.79 4.29 -18.00
C PRO A 236 -7.78 5.38 -17.77
N LEU A 237 -7.37 6.57 -18.24
CA LEU A 237 -8.23 7.78 -18.30
C LEU A 237 -8.79 7.79 -19.72
N ILE A 238 -10.09 7.68 -19.84
CA ILE A 238 -10.70 7.50 -21.16
C ILE A 238 -11.67 8.60 -21.59
N VAL A 239 -11.66 8.74 -22.91
CA VAL A 239 -12.53 9.66 -23.68
C VAL A 239 -13.54 8.77 -24.43
N HIS A 240 -14.82 8.92 -24.13
CA HIS A 240 -15.85 8.13 -24.80
C HIS A 240 -16.38 8.93 -25.99
N LYS A 241 -15.58 8.99 -27.05
CA LYS A 241 -15.92 9.74 -28.25
C LYS A 241 -16.80 8.92 -29.18
N ARG A 242 -18.12 9.10 -29.03
CA ARG A 242 -19.12 8.42 -29.85
C ARG A 242 -19.01 6.90 -29.98
N SER A 243 -19.56 6.19 -28.99
CA SER A 243 -19.57 4.72 -28.99
C SER A 243 -18.20 4.02 -28.97
N ARG A 244 -17.13 4.80 -28.93
CA ARG A 244 -15.79 4.22 -28.87
C ARG A 244 -15.05 4.71 -27.63
N PHE A 245 -14.09 3.92 -27.16
CA PHE A 245 -13.32 4.28 -25.97
C PHE A 245 -11.83 4.44 -26.27
N ILE A 246 -11.33 5.65 -26.06
CA ILE A 246 -9.92 5.92 -26.30
C ILE A 246 -9.23 6.28 -25.00
N GLN A 247 -8.08 5.66 -24.76
CA GLN A 247 -7.33 5.96 -23.56
C GLN A 247 -6.45 7.17 -23.82
N VAL A 248 -6.65 8.23 -23.04
CA VAL A 248 -5.86 9.44 -23.20
C VAL A 248 -4.90 9.63 -22.03
N GLY A 249 -5.05 8.84 -20.97
CA GLY A 249 -4.15 8.98 -19.83
C GLY A 249 -4.07 7.81 -18.86
N VAL A 250 -3.10 7.88 -17.96
CA VAL A 250 -2.87 6.86 -16.94
C VAL A 250 -2.99 7.51 -15.55
N ILE A 251 -3.96 7.07 -14.75
CA ILE A 251 -4.15 7.64 -13.40
C ILE A 251 -2.85 7.51 -12.62
N SER A 252 -2.35 8.63 -12.10
CA SER A 252 -1.07 8.63 -11.39
C SER A 252 -1.13 9.00 -9.90
N TRP A 253 -1.70 10.15 -9.60
CA TRP A 253 -1.80 10.58 -8.22
C TRP A 253 -2.91 11.61 -8.04
N GLY A 254 -3.14 11.99 -6.79
CA GLY A 254 -4.19 12.95 -6.51
C GLY A 254 -4.04 13.59 -5.14
N VAL A 255 -4.89 14.56 -4.84
CA VAL A 255 -4.81 15.23 -3.56
C VAL A 255 -5.39 14.40 -2.42
N VAL A 256 -6.49 13.70 -2.69
CA VAL A 256 -7.13 12.89 -1.67
C VAL A 256 -7.93 11.70 -2.20
N ASP A 257 -8.13 10.72 -1.33
CA ASP A 257 -8.92 9.54 -1.65
C ASP A 257 -10.09 9.56 -0.68
N VAL A 258 -11.32 9.54 -1.20
CA VAL A 258 -12.50 9.56 -0.36
C VAL A 258 -13.47 8.44 -0.68
N CYS A 259 -12.93 7.29 -1.08
CA CYS A 259 -13.75 6.13 -1.43
C CYS A 259 -14.01 5.23 -0.23
N LYS A 260 -14.97 4.32 -0.40
CA LYS A 260 -15.34 3.35 0.62
C LYS A 260 -15.91 4.03 1.86
N GLN A 267 -13.22 16.73 3.43
CA GLN A 267 -12.22 17.81 3.68
C GLN A 267 -12.63 19.00 2.83
N VAL A 268 -11.85 19.31 1.79
CA VAL A 268 -12.18 20.42 0.90
C VAL A 268 -12.35 19.91 -0.53
N PRO A 269 -13.59 19.55 -0.91
CA PRO A 269 -13.95 19.04 -2.24
C PRO A 269 -13.40 19.84 -3.42
N ALA A 270 -13.36 21.16 -3.29
CA ALA A 270 -12.84 22.01 -4.36
C ALA A 270 -11.36 21.77 -4.63
N HIS A 271 -10.64 21.25 -3.65
CA HIS A 271 -9.21 21.01 -3.82
C HIS A 271 -8.90 19.59 -4.25
N ALA A 272 -9.94 18.76 -4.33
CA ALA A 272 -9.81 17.36 -4.70
C ALA A 272 -9.43 17.08 -6.15
N ARG A 273 -8.17 17.30 -6.52
CA ARG A 273 -7.74 17.07 -7.89
C ARG A 273 -7.01 15.74 -8.06
N ASP A 274 -7.16 15.13 -9.25
CA ASP A 274 -6.49 13.88 -9.60
C ASP A 274 -5.63 14.17 -10.83
N PHE A 275 -4.44 13.57 -10.87
CA PHE A 275 -3.53 13.77 -12.00
C PHE A 275 -3.23 12.49 -12.75
N HIS A 276 -3.24 12.62 -14.07
CA HIS A 276 -3.03 11.50 -14.97
C HIS A 276 -1.92 11.82 -15.96
N ILE A 277 -1.15 10.80 -16.36
CA ILE A 277 -0.07 10.97 -17.33
C ILE A 277 -0.67 10.99 -18.74
N ASN A 278 -0.53 12.13 -19.42
CA ASN A 278 -1.03 12.33 -20.78
C ASN A 278 -0.27 11.40 -21.71
N LEU A 279 -0.97 10.47 -22.35
CA LEU A 279 -0.30 9.54 -23.25
C LEU A 279 0.32 10.23 -24.45
N PHE A 280 -0.25 11.36 -24.87
CA PHE A 280 0.30 12.11 -26.00
C PHE A 280 1.69 12.61 -25.64
N GLN A 281 1.98 12.70 -24.35
CA GLN A 281 3.28 13.19 -23.93
C GLN A 281 4.30 12.07 -23.79
N VAL A 282 3.86 10.83 -23.99
CA VAL A 282 4.76 9.69 -23.92
C VAL A 282 4.57 8.75 -25.11
N LEU A 283 4.21 9.35 -26.22
CA LEU A 283 3.98 8.61 -27.47
C LEU A 283 5.29 7.99 -27.96
N PRO A 284 6.43 8.68 -27.90
CA PRO A 284 7.69 8.11 -28.39
C PRO A 284 8.00 6.83 -27.68
N TRP A 285 7.65 6.71 -26.41
CA TRP A 285 7.92 5.51 -25.61
C TRP A 285 6.93 4.41 -25.98
N LEU A 286 5.67 4.80 -26.08
CA LEU A 286 4.56 3.90 -26.42
C LEU A 286 4.78 3.29 -27.82
N LYS A 287 5.07 4.18 -28.74
CA LYS A 287 5.30 3.81 -30.15
C LYS A 287 6.39 2.76 -30.26
N GLU A 288 7.55 3.03 -29.67
CA GLU A 288 8.66 2.11 -29.70
C GLU A 288 8.33 0.76 -29.06
N LYS A 289 8.24 0.75 -27.73
CA LYS A 289 7.96 -0.46 -26.98
C LYS A 289 6.85 -1.32 -27.56
N LEU A 290 5.89 -0.68 -28.22
CA LEU A 290 4.77 -1.41 -28.81
C LEU A 290 4.87 -1.49 -30.34
N GLN A 291 6.07 -1.37 -30.87
CA GLN A 291 6.24 -1.41 -32.32
C GLN A 291 5.94 -2.74 -33.01
N ASP A 292 6.04 -3.85 -32.29
CA ASP A 292 5.78 -5.16 -32.90
C ASP A 292 4.39 -5.70 -32.57
N GLU A 293 3.50 -4.82 -32.10
CA GLU A 293 2.15 -5.23 -31.73
C GLU A 293 1.06 -4.95 -32.76
N ASP A 294 1.46 -4.68 -34.00
CA ASP A 294 0.50 -4.40 -35.08
C ASP A 294 -0.55 -3.37 -34.66
N LEU A 295 -0.10 -2.24 -34.13
CA LEU A 295 -1.05 -1.22 -33.69
C LEU A 295 -1.28 -0.06 -34.65
N GLY A 296 -0.48 -0.01 -35.71
CA GLY A 296 -0.64 1.05 -36.70
C GLY A 296 -0.45 2.48 -36.19
N PHE A 297 0.63 2.71 -35.46
CA PHE A 297 0.93 4.03 -34.92
C PHE A 297 1.28 5.03 -36.03
N LEU A 298 0.63 6.18 -36.00
CA LEU A 298 0.91 7.21 -37.00
C LEU A 298 2.33 7.66 -36.74
N SER B 10 2.86 7.11 35.63
CA SER B 10 1.88 6.05 35.38
C SER B 10 2.59 4.71 35.39
N LEU B 11 1.79 3.71 35.55
CA LEU B 11 2.26 2.33 35.55
C LEU B 11 2.01 1.74 34.18
N CYS B 12 3.08 1.28 33.59
CA CYS B 12 3.04 0.68 32.27
C CYS B 12 2.17 -0.57 32.27
N GLY B 13 1.45 -0.70 31.16
CA GLY B 13 0.59 -1.86 30.88
C GLY B 13 -0.63 -1.96 31.81
N MET B 14 -1.11 -0.83 32.28
CA MET B 14 -2.29 -0.81 33.14
C MET B 14 -3.38 0.05 32.51
N VAL B 15 -4.58 -0.49 32.46
CA VAL B 15 -5.70 0.21 31.83
C VAL B 15 -6.64 0.86 32.84
N TRP B 16 -7.51 1.70 32.29
CA TRP B 16 -8.54 2.44 33.01
C TRP B 16 -9.30 1.43 33.87
N GLU B 17 -9.30 1.65 35.18
CA GLU B 17 -10.00 0.73 36.08
C GLU B 17 -11.50 0.97 36.12
N HIS B 18 -12.07 1.43 35.01
CA HIS B 18 -13.51 1.66 34.97
C HIS B 18 -14.14 0.91 33.80
N ARG B 19 -15.46 1.05 33.72
CA ARG B 19 -16.27 0.38 32.70
C ARG B 19 -16.49 1.28 31.49
N LYS B 20 -16.74 0.62 30.38
CA LYS B 20 -17.00 1.28 29.10
C LYS B 20 -15.80 2.16 28.71
N GLY B 21 -16.12 3.28 28.08
CA GLY B 21 -15.12 4.23 27.60
C GLY B 21 -14.76 3.89 26.16
N THR B 22 -13.97 4.75 25.55
CA THR B 22 -13.55 4.56 24.16
C THR B 22 -12.58 3.39 24.04
N ASP B 23 -12.22 3.09 22.82
CA ASP B 23 -11.32 1.98 22.53
C ASP B 23 -9.93 2.27 23.11
N TYR B 24 -9.69 3.53 23.41
CA TYR B 24 -8.39 3.97 23.91
C TYR B 24 -8.35 3.95 25.44
N HIS B 25 -9.49 3.71 26.03
CA HIS B 25 -9.57 3.55 27.48
C HIS B 25 -9.13 2.13 27.80
N LYS B 26 -9.41 1.29 26.82
CA LYS B 26 -9.12 -0.14 26.86
C LYS B 26 -7.70 -0.46 26.37
N GLN B 27 -7.26 0.31 25.39
CA GLN B 27 -5.91 0.15 24.81
C GLN B 27 -5.24 1.52 24.73
N PRO B 28 -4.84 2.13 25.87
CA PRO B 28 -4.31 3.47 25.97
C PRO B 28 -2.99 3.52 25.29
N TRP B 29 -2.30 2.45 25.07
CA TRP B 29 -0.93 2.41 24.51
C TRP B 29 -0.91 2.40 22.97
N GLN B 30 -2.02 2.05 22.38
CA GLN B 30 -2.14 1.92 20.91
C GLN B 30 -1.98 3.28 20.19
N ALA B 31 -1.14 3.25 19.17
CA ALA B 31 -0.86 4.43 18.32
C ALA B 31 -1.18 4.09 16.86
N LYS B 32 -1.68 5.07 16.12
CA LYS B 32 -2.04 4.88 14.72
C LYS B 32 -1.02 5.60 13.85
N ILE B 33 -0.53 4.91 12.84
CA ILE B 33 0.46 5.49 11.97
C ILE B 33 0.02 5.44 10.51
N SER B 34 0.09 6.58 9.85
CA SER B 34 -0.29 6.66 8.46
C SER B 34 0.84 7.34 7.70
N VAL B 35 1.37 6.67 6.68
CA VAL B 35 2.43 7.26 5.87
C VAL B 35 1.75 7.55 4.54
N ILE B 36 1.63 8.83 4.23
CA ILE B 36 0.92 9.27 3.03
C ILE B 36 1.75 9.63 1.81
N ARG B 37 1.18 9.39 0.64
CA ARG B 37 1.81 9.68 -0.64
C ARG B 37 0.74 10.11 -1.65
N PRO B 38 1.11 10.94 -2.64
CA PRO B 38 0.19 11.42 -3.68
C PRO B 38 -0.54 10.31 -4.46
N SER B 39 0.14 9.19 -4.70
CA SER B 39 -0.47 8.09 -5.46
C SER B 39 -1.71 7.54 -4.79
N LYS B 40 -1.87 7.82 -3.50
CA LYS B 40 -3.00 7.41 -2.67
C LYS B 40 -2.82 6.05 -2.03
N GLY B 41 -1.72 5.38 -2.35
CA GLY B 41 -1.44 4.08 -1.77
C GLY B 41 -0.67 4.24 -0.47
N HIS B 42 -1.34 4.82 0.53
CA HIS B 42 -0.76 5.09 1.84
C HIS B 42 -0.46 3.86 2.68
N GLU B 43 0.52 3.95 3.57
CA GLU B 43 0.83 2.85 4.45
C GLU B 43 -0.10 3.01 5.65
N SER B 44 -0.51 1.90 6.24
CA SER B 44 -1.35 1.93 7.43
C SER B 44 -0.70 0.98 8.42
N CYS B 45 -0.44 1.49 9.62
CA CYS B 45 0.20 0.70 10.66
C CYS B 45 -0.22 1.19 12.03
N MET B 46 0.18 0.43 13.04
CA MET B 46 -0.07 0.80 14.41
C MET B 46 1.23 0.65 15.18
N GLY B 47 1.23 1.11 16.42
CA GLY B 47 2.40 1.03 17.26
C GLY B 47 1.94 1.11 18.70
N ALA B 48 2.90 1.23 19.59
CA ALA B 48 2.59 1.32 21.00
C ALA B 48 3.46 2.38 21.68
N VAL B 49 2.80 3.14 22.53
CA VAL B 49 3.49 4.14 23.35
C VAL B 49 4.34 3.35 24.35
N VAL B 50 5.61 3.67 24.42
CA VAL B 50 6.51 2.94 25.33
C VAL B 50 7.18 3.87 26.35
N SER B 51 6.91 5.16 26.18
CA SER B 51 7.44 6.22 27.06
C SER B 51 6.82 7.53 26.60
N GLU B 52 7.09 8.65 27.28
CA GLU B 52 6.50 9.92 26.86
C GLU B 52 7.03 10.46 25.54
N TYR B 53 8.17 9.98 25.11
CA TYR B 53 8.79 10.50 23.88
C TYR B 53 8.86 9.47 22.75
N PHE B 54 8.45 8.23 22.99
CA PHE B 54 8.60 7.20 21.94
C PHE B 54 7.36 6.33 21.72
N VAL B 55 7.30 5.90 20.48
CA VAL B 55 6.30 4.97 19.93
C VAL B 55 7.03 3.91 19.12
N LEU B 56 6.85 2.68 19.55
CA LEU B 56 7.50 1.53 18.92
C LEU B 56 6.55 0.91 17.87
N THR B 57 7.11 0.58 16.72
CA THR B 57 6.33 0.00 15.63
C THR B 57 7.27 -0.76 14.69
N ALA B 58 6.79 -1.11 13.49
CA ALA B 58 7.60 -1.83 12.50
C ALA B 58 8.36 -0.86 11.59
N ALA B 59 9.58 -1.24 11.25
CA ALA B 59 10.42 -0.43 10.38
C ALA B 59 9.85 -0.35 8.96
N HIS B 60 9.24 -1.44 8.50
CA HIS B 60 8.72 -1.49 7.13
C HIS B 60 7.57 -0.54 6.84
N CYS B 61 7.00 0.07 7.87
CA CYS B 61 5.90 1.01 7.69
C CYS B 61 6.32 2.32 7.01
N PHE B 62 7.56 2.74 7.25
CA PHE B 62 8.05 3.99 6.69
C PHE B 62 8.62 3.88 5.28
N THR B 63 7.73 3.97 4.29
CA THR B 63 8.12 3.83 2.89
C THR B 63 8.24 5.20 2.20
N VAL B 64 8.05 6.26 2.97
CA VAL B 64 8.18 7.64 2.49
C VAL B 64 9.09 8.33 3.49
N ASP B 65 10.30 8.67 3.06
CA ASP B 65 11.28 9.30 3.92
C ASP B 65 10.99 10.79 4.14
N ASP B 66 9.88 11.10 4.80
CA ASP B 66 9.49 12.50 5.07
C ASP B 66 8.78 12.64 6.42
N LYS B 67 9.57 12.73 7.49
CA LYS B 67 9.04 12.86 8.84
C LYS B 67 8.38 14.21 9.07
N GLU B 68 8.69 15.17 8.20
CA GLU B 68 8.13 16.51 8.31
C GLU B 68 6.64 16.61 7.94
N HIS B 69 6.24 16.01 6.82
CA HIS B 69 4.85 16.14 6.41
C HIS B 69 4.14 14.89 5.93
N SER B 70 4.84 13.76 5.81
CA SER B 70 4.20 12.55 5.30
C SER B 70 3.92 11.41 6.28
N ILE B 71 4.43 11.52 7.50
CA ILE B 71 4.22 10.48 8.50
C ILE B 71 3.23 11.01 9.55
N LYS B 72 2.04 10.43 9.58
CA LYS B 72 1.02 10.87 10.53
C LYS B 72 0.90 9.91 11.70
N VAL B 73 1.26 10.39 12.89
CA VAL B 73 1.21 9.60 14.11
C VAL B 73 0.26 10.22 15.12
N SER B 74 -0.69 9.43 15.61
CA SER B 74 -1.64 9.93 16.59
C SER B 74 -1.89 8.92 17.69
N VAL B 75 -2.30 9.41 18.86
CA VAL B 75 -2.56 8.55 19.99
C VAL B 75 -3.85 8.92 20.70
N GLY B 76 -4.21 8.12 21.69
CA GLY B 76 -5.43 8.35 22.47
C GLY B 76 -6.68 8.60 21.65
N GLY B 77 -6.68 8.14 20.41
CA GLY B 77 -7.84 8.36 19.57
C GLY B 77 -7.93 9.81 19.13
N GLU B 78 -6.91 10.58 19.50
CA GLU B 78 -6.85 11.99 19.14
C GLU B 78 -6.87 12.13 17.63
N LYS B 79 -7.22 13.31 17.14
CA LYS B 79 -7.26 13.56 15.73
C LYS B 79 -5.99 14.23 15.25
N ARG B 80 -5.34 14.98 16.14
CA ARG B 80 -4.10 15.67 15.76
C ARG B 80 -2.96 14.71 15.49
N ASP B 81 -2.09 15.10 14.56
CA ASP B 81 -0.91 14.30 14.24
C ASP B 81 0.23 14.94 15.01
N LEU B 82 1.01 14.11 15.70
CA LEU B 82 2.10 14.57 16.52
C LEU B 82 3.42 14.85 15.79
N GLU B 83 4.06 15.95 16.19
CA GLU B 83 5.33 16.36 15.61
C GLU B 83 6.40 15.29 15.86
N ILE B 84 7.17 14.96 14.83
CA ILE B 84 8.21 13.95 14.95
C ILE B 84 9.60 14.54 14.89
N GLU B 85 10.46 14.14 15.82
CA GLU B 85 11.83 14.62 15.87
C GLU B 85 12.66 13.74 14.93
N VAL B 86 12.50 12.43 15.07
CA VAL B 86 13.22 11.49 14.22
C VAL B 86 12.66 10.08 14.36
N VAL B 87 12.86 9.26 13.33
CA VAL B 87 12.41 7.88 13.37
C VAL B 87 13.66 7.02 13.35
N LEU B 88 13.85 6.22 14.39
CA LEU B 88 15.02 5.37 14.49
C LEU B 88 14.74 3.96 14.00
N PHE B 89 15.51 3.51 13.01
CA PHE B 89 15.36 2.17 12.45
C PHE B 89 16.41 1.23 13.04
N HIS B 90 16.02 0.00 13.37
CA HIS B 90 16.99 -0.92 13.93
C HIS B 90 18.15 -0.94 12.93
N PRO B 91 19.39 -0.89 13.42
CA PRO B 91 20.58 -0.89 12.57
C PRO B 91 20.74 -2.08 11.63
N ASN B 92 20.26 -3.25 12.02
CA ASN B 92 20.38 -4.44 11.19
C ASN B 92 19.26 -4.64 10.19
N TYR B 93 18.32 -3.71 10.14
CA TYR B 93 17.20 -3.82 9.23
C TYR B 93 17.65 -3.57 7.79
N ASN B 94 17.29 -4.49 6.90
CA ASN B 94 17.65 -4.38 5.48
C ASN B 94 16.64 -5.26 4.75
N ILE B 95 15.51 -4.69 4.39
CA ILE B 95 14.42 -5.41 3.74
C ILE B 95 14.75 -6.05 2.40
N ASN B 96 15.68 -5.45 1.64
CA ASN B 96 16.05 -6.03 0.34
C ASN B 96 17.41 -6.71 0.38
N GLY B 97 17.91 -6.97 1.59
CA GLY B 97 19.21 -7.61 1.73
C GLY B 97 19.34 -9.04 1.22
N LYS B 98 18.23 -9.71 0.99
CA LYS B 98 18.29 -11.09 0.50
C LYS B 98 17.65 -11.30 -0.86
N LYS B 99 17.49 -10.20 -1.60
CA LYS B 99 16.90 -10.22 -2.93
C LYS B 99 17.56 -11.25 -3.86
N GLU B 100 18.88 -11.27 -3.90
CA GLU B 100 19.61 -12.20 -4.76
C GLU B 100 19.49 -13.66 -4.35
N ALA B 101 18.91 -13.92 -3.19
CA ALA B 101 18.73 -15.29 -2.75
C ALA B 101 17.26 -15.71 -2.98
N GLY B 102 16.52 -14.87 -3.69
CA GLY B 102 15.13 -15.17 -3.97
C GLY B 102 14.13 -14.72 -2.93
N ILE B 103 14.56 -13.80 -2.06
CA ILE B 103 13.71 -13.28 -0.99
C ILE B 103 13.49 -11.78 -1.28
N PRO B 104 12.37 -11.44 -1.95
CA PRO B 104 12.07 -10.05 -2.29
C PRO B 104 12.09 -9.09 -1.11
N GLU B 105 11.39 -9.46 -0.04
CA GLU B 105 11.38 -8.62 1.16
C GLU B 105 11.73 -9.49 2.39
N PHE B 106 12.82 -9.07 3.02
CA PHE B 106 13.40 -9.71 4.23
C PHE B 106 13.07 -8.84 5.44
N TYR B 107 12.38 -9.41 6.42
CA TYR B 107 11.88 -8.63 7.57
C TYR B 107 12.63 -8.84 8.89
N ASP B 108 13.87 -9.28 8.81
CA ASP B 108 14.66 -9.44 10.05
C ASP B 108 14.89 -8.05 10.66
N TYR B 109 14.71 -7.99 11.97
CA TYR B 109 14.91 -6.76 12.76
C TYR B 109 13.95 -5.64 12.34
N ASP B 110 12.75 -6.03 11.93
CA ASP B 110 11.74 -5.07 11.47
C ASP B 110 11.08 -4.29 12.62
N VAL B 111 11.86 -3.40 13.24
CA VAL B 111 11.37 -2.55 14.33
C VAL B 111 11.93 -1.15 14.24
N ALA B 112 11.15 -0.19 14.68
CA ALA B 112 11.57 1.20 14.67
C ALA B 112 10.90 1.98 15.78
N LEU B 113 11.57 3.03 16.24
CA LEU B 113 11.04 3.89 17.28
C LEU B 113 10.77 5.29 16.75
N ILE B 114 9.55 5.76 16.92
CA ILE B 114 9.22 7.10 16.51
C ILE B 114 9.45 8.01 17.72
N LYS B 115 10.45 8.90 17.64
CA LYS B 115 10.72 9.83 18.73
C LYS B 115 9.94 11.11 18.47
N LEU B 116 9.08 11.46 19.42
CA LEU B 116 8.24 12.64 19.32
C LEU B 116 8.98 13.88 19.82
N LYS B 117 8.70 15.04 19.21
CA LYS B 117 9.33 16.29 19.64
C LYS B 117 8.76 16.72 20.98
N ASN B 118 7.44 16.58 21.14
CA ASN B 118 6.80 16.96 22.39
C ASN B 118 6.48 15.76 23.27
N LYS B 119 6.70 15.93 24.56
CA LYS B 119 6.47 14.89 25.55
C LYS B 119 4.97 14.59 25.66
N LEU B 120 4.62 13.31 25.62
CA LEU B 120 3.23 12.90 25.73
C LEU B 120 2.69 13.14 27.16
N LYS B 121 1.40 13.43 27.27
CA LYS B 121 0.80 13.62 28.58
C LYS B 121 -0.14 12.45 28.87
N TYR B 122 0.30 11.55 29.75
CA TYR B 122 -0.46 10.38 30.13
C TYR B 122 -1.83 10.68 30.72
N GLY B 123 -2.83 9.97 30.23
CA GLY B 123 -4.18 10.16 30.73
C GLY B 123 -4.89 8.82 30.79
N GLN B 124 -6.22 8.85 30.76
CA GLN B 124 -7.02 7.64 30.81
C GLN B 124 -7.12 7.01 29.42
N THR B 125 -6.68 7.76 28.40
CA THR B 125 -6.73 7.28 27.02
C THR B 125 -5.35 7.19 26.38
N ILE B 126 -4.32 7.57 27.14
CA ILE B 126 -2.95 7.51 26.65
C ILE B 126 -2.02 7.10 27.80
N ARG B 127 -1.49 5.89 27.67
CA ARG B 127 -0.58 5.31 28.68
C ARG B 127 0.43 4.36 28.03
N PRO B 128 1.66 4.25 28.55
CA PRO B 128 2.68 3.37 28.01
C PRO B 128 2.31 1.96 28.31
N ILE B 129 2.91 1.05 27.50
CA ILE B 129 2.82 -0.40 27.69
C ILE B 129 4.18 -0.85 28.23
N CYS B 130 4.20 -1.96 28.92
CA CYS B 130 5.45 -2.46 29.52
C CYS B 130 6.37 -3.14 28.49
N LEU B 131 7.67 -2.92 28.63
CA LEU B 131 8.64 -3.54 27.73
C LEU B 131 9.44 -4.62 28.47
N PRO B 132 9.95 -5.62 27.72
CA PRO B 132 10.73 -6.71 28.31
C PRO B 132 12.00 -6.25 29.04
N CYS B 133 12.33 -6.96 30.11
CA CYS B 133 13.50 -6.69 30.91
C CYS B 133 13.61 -5.26 31.39
N THR B 134 12.53 -4.78 32.02
CA THR B 134 12.49 -3.44 32.57
C THR B 134 11.95 -3.56 33.99
N GLU B 135 12.12 -2.50 34.78
CA GLU B 135 11.65 -2.47 36.16
C GLU B 135 10.13 -2.51 36.18
N GLY B 136 9.52 -1.86 35.19
CA GLY B 136 8.08 -1.83 35.12
C GLY B 136 7.51 -3.23 34.98
N THR B 137 8.10 -4.02 34.09
CA THR B 137 7.62 -5.38 33.87
C THR B 137 7.83 -6.23 35.13
N THR B 138 8.97 -6.06 35.79
CA THR B 138 9.22 -6.82 37.01
C THR B 138 8.15 -6.50 38.05
N ARG B 139 7.71 -5.26 38.12
CA ARG B 139 6.71 -4.85 39.12
C ARG B 139 5.33 -5.25 38.61
N ALA B 140 5.04 -5.07 37.34
CA ALA B 140 3.74 -5.40 36.78
C ALA B 140 3.42 -6.87 37.01
N LEU B 141 4.46 -7.70 37.00
CA LEU B 141 4.30 -9.13 37.21
C LEU B 141 4.50 -9.49 38.67
N ARG B 142 4.50 -8.45 39.51
CA ARG B 142 4.67 -8.62 40.95
C ARG B 142 5.78 -9.60 41.30
N LEU B 143 6.89 -9.49 40.61
CA LEU B 143 8.03 -10.36 40.84
C LEU B 143 9.03 -9.61 41.74
N PRO B 144 9.91 -10.34 42.42
CA PRO B 144 10.90 -9.73 43.31
C PRO B 144 12.04 -9.08 42.55
N PRO B 145 12.77 -8.17 43.21
CA PRO B 145 13.91 -7.44 42.61
C PRO B 145 15.13 -8.29 42.24
N THR B 146 15.09 -9.59 42.53
CA THR B 146 16.20 -10.45 42.18
C THR B 146 15.97 -10.96 40.76
N THR B 147 14.86 -10.49 40.17
CA THR B 147 14.47 -10.88 38.81
C THR B 147 15.40 -10.38 37.72
N THR B 148 15.87 -11.30 36.90
CA THR B 148 16.78 -11.00 35.80
C THR B 148 16.03 -11.02 34.46
N CYS B 149 16.76 -10.66 33.39
CA CYS B 149 16.18 -10.63 32.07
C CYS B 149 15.83 -12.05 31.61
N GLN B 150 16.70 -13.00 31.91
CA GLN B 150 16.46 -14.40 31.54
C GLN B 150 15.19 -14.88 32.23
N GLN B 151 15.07 -14.56 33.51
CA GLN B 151 13.89 -14.98 34.28
C GLN B 151 12.62 -14.36 33.69
N GLN B 152 12.68 -13.08 33.30
CA GLN B 152 11.51 -12.45 32.70
C GLN B 152 11.15 -13.18 31.41
N LYS B 153 12.17 -13.55 30.64
CA LYS B 153 11.98 -14.26 29.39
C LYS B 153 11.32 -15.62 29.59
N GLU B 154 11.80 -16.38 30.57
CA GLU B 154 11.24 -17.70 30.85
C GLU B 154 9.83 -17.59 31.42
N GLU B 155 9.57 -16.50 32.13
CA GLU B 155 8.27 -16.21 32.73
C GLU B 155 7.24 -15.79 31.69
N LEU B 156 7.67 -14.99 30.70
CA LEU B 156 6.80 -14.48 29.65
C LEU B 156 6.76 -15.32 28.38
N LEU B 157 7.91 -15.87 28.00
CA LEU B 157 8.00 -16.67 26.77
C LEU B 157 8.54 -18.07 27.02
N PRO B 158 7.79 -18.91 27.75
CA PRO B 158 8.22 -20.28 28.04
C PRO B 158 8.22 -21.14 26.77
N ALA B 159 8.92 -22.27 26.80
CA ALA B 159 8.99 -23.13 25.63
C ALA B 159 7.71 -23.95 25.47
N GLN B 160 6.59 -23.26 25.27
CA GLN B 160 5.29 -23.91 25.08
C GLN B 160 4.43 -23.02 24.19
N ASP B 161 3.14 -23.32 24.11
CA ASP B 161 2.22 -22.49 23.34
C ASP B 161 1.81 -21.38 24.30
N ILE B 162 2.31 -20.18 24.05
CA ILE B 162 2.06 -19.02 24.89
C ILE B 162 0.82 -18.23 24.50
N LYS B 163 -0.04 -18.02 25.48
CA LYS B 163 -1.26 -17.25 25.26
C LYS B 163 -0.86 -15.78 25.12
N ALA B 164 -1.33 -15.12 24.06
CA ALA B 164 -1.00 -13.71 23.81
C ALA B 164 -2.11 -13.04 23.03
N LEU B 165 -1.96 -11.74 22.77
CA LEU B 165 -2.99 -11.02 22.03
C LEU B 165 -2.43 -9.81 21.29
N PHE B 166 -3.22 -9.28 20.36
CA PHE B 166 -2.84 -8.07 19.65
C PHE B 166 -4.11 -7.26 19.45
N VAL B 167 -3.97 -5.99 19.14
CA VAL B 167 -5.12 -5.12 18.94
C VAL B 167 -5.38 -4.95 17.46
N SER B 168 -6.62 -5.23 17.05
CA SER B 168 -6.97 -5.10 15.64
C SER B 168 -8.05 -4.05 15.39
N GLU B 169 -7.95 -3.38 14.24
CA GLU B 169 -8.90 -2.35 13.85
C GLU B 169 -9.68 -2.78 12.62
N GLU B 170 -11.00 -2.83 12.75
CA GLU B 170 -11.88 -3.19 11.65
C GLU B 170 -13.18 -2.39 11.76
N GLU B 171 -13.52 -1.66 10.71
CA GLU B 171 -14.73 -0.83 10.71
C GLU B 171 -14.70 0.21 11.82
N LYS B 172 -13.60 0.94 11.91
CA LYS B 172 -13.45 1.99 12.92
C LYS B 172 -13.47 1.48 14.37
N LYS B 173 -13.27 0.18 14.57
CA LYS B 173 -13.26 -0.36 15.93
C LYS B 173 -12.02 -1.17 16.27
N LEU B 174 -11.54 -0.99 17.49
CA LEU B 174 -10.38 -1.71 17.98
C LEU B 174 -10.86 -2.88 18.83
N THR B 175 -10.29 -4.06 18.57
CA THR B 175 -10.67 -5.26 19.31
C THR B 175 -9.44 -6.12 19.60
N ARG B 176 -9.42 -6.73 20.78
CA ARG B 176 -8.32 -7.59 21.16
C ARG B 176 -8.52 -8.96 20.50
N LYS B 177 -7.45 -9.48 19.90
CA LYS B 177 -7.50 -10.76 19.23
C LYS B 177 -6.57 -11.70 19.97
N GLU B 178 -7.13 -12.74 20.58
CA GLU B 178 -6.35 -13.68 21.36
C GLU B 178 -5.70 -14.74 20.49
N VAL B 179 -4.38 -14.83 20.54
CA VAL B 179 -3.66 -15.81 19.75
C VAL B 179 -2.74 -16.69 20.59
N TYR B 180 -2.01 -17.58 19.93
CA TYR B 180 -1.09 -18.45 20.64
C TYR B 180 0.25 -18.47 19.93
N ILE B 181 1.30 -18.14 20.66
CA ILE B 181 2.66 -18.14 20.13
C ILE B 181 3.18 -19.58 20.20
N LYS B 182 3.56 -20.16 19.06
CA LYS B 182 4.11 -21.52 19.06
C LYS B 182 5.61 -21.43 19.33
N ASN B 183 5.94 -21.50 20.61
CA ASN B 183 7.31 -21.42 21.08
C ASN B 183 7.73 -22.77 21.68
N GLY B 184 6.87 -23.78 21.50
CA GLY B 184 7.17 -25.10 22.02
C GLY B 184 7.35 -26.12 20.91
N ASP B 185 6.73 -27.28 21.06
CA ASP B 185 6.83 -28.35 20.07
C ASP B 185 6.22 -28.00 18.71
N LYS B 186 5.39 -26.97 18.65
CA LYS B 186 4.76 -26.58 17.39
C LYS B 186 5.52 -25.51 16.63
N LYS B 187 6.53 -24.92 17.27
CA LYS B 187 7.32 -23.86 16.65
C LYS B 187 7.74 -24.20 15.21
N GLY B 188 8.45 -25.31 15.03
CA GLY B 188 8.90 -25.71 13.72
C GLY B 188 7.83 -25.72 12.64
N SER B 189 6.72 -26.41 12.90
CA SER B 189 5.64 -26.47 11.91
C SER B 189 5.02 -25.10 11.66
N CYS B 190 5.08 -24.20 12.64
CA CYS B 190 4.55 -22.87 12.47
C CYS B 190 5.46 -22.08 11.53
N GLU B 191 6.76 -22.11 11.79
CA GLU B 191 7.72 -21.40 10.98
C GLU B 191 7.78 -21.91 9.54
N ARG B 192 7.63 -23.22 9.37
CA ARG B 192 7.71 -23.79 8.03
C ARG B 192 6.60 -23.32 7.09
N ASP B 193 5.47 -22.87 7.65
CA ASP B 193 4.40 -22.39 6.81
C ASP B 193 4.73 -21.03 6.19
N ALA B 194 5.92 -20.50 6.49
CA ALA B 194 6.35 -19.23 5.92
C ALA B 194 6.53 -19.39 4.41
N GLN B 195 6.68 -20.64 3.97
CA GLN B 195 6.85 -20.94 2.55
C GLN B 195 5.65 -20.50 1.72
N TYR B 196 4.55 -20.22 2.38
CA TYR B 196 3.32 -19.83 1.67
C TYR B 196 3.11 -18.30 1.67
N ALA B 197 4.06 -17.58 2.22
CA ALA B 197 3.99 -16.10 2.28
C ALA B 197 4.35 -15.52 0.90
N PRO B 198 3.88 -14.33 0.54
CA PRO B 198 4.16 -13.76 -0.77
C PRO B 198 5.64 -13.63 -1.00
N GLY B 199 6.03 -14.08 -2.20
CA GLY B 199 7.41 -14.00 -2.75
C GLY B 199 8.32 -15.12 -2.23
N TYR B 200 7.83 -15.90 -1.29
CA TYR B 200 8.64 -16.96 -0.66
C TYR B 200 8.41 -18.32 -1.32
N ASP B 201 7.63 -18.36 -2.39
CA ASP B 201 7.31 -19.61 -3.10
C ASP B 201 8.45 -20.63 -3.24
N LYS B 202 9.61 -20.18 -3.71
CA LYS B 202 10.73 -21.08 -3.94
C LYS B 202 11.87 -20.99 -2.93
N VAL B 203 11.54 -20.62 -1.70
CA VAL B 203 12.56 -20.51 -0.67
C VAL B 203 12.83 -21.90 -0.09
N LYS B 204 13.95 -22.50 -0.50
CA LYS B 204 14.36 -23.82 -0.06
C LYS B 204 14.36 -23.96 1.48
N ASP B 205 15.26 -23.24 2.13
CA ASP B 205 15.37 -23.30 3.58
C ASP B 205 14.67 -22.11 4.24
N ILE B 206 13.59 -22.39 4.96
CA ILE B 206 12.81 -21.36 5.63
C ILE B 206 13.57 -20.57 6.67
N SER B 207 14.57 -21.18 7.29
CA SER B 207 15.34 -20.47 8.31
C SER B 207 15.90 -19.17 7.74
N GLU B 208 15.98 -19.08 6.42
CA GLU B 208 16.51 -17.86 5.79
C GLU B 208 15.52 -16.70 5.80
N VAL B 209 14.22 -16.98 5.88
CA VAL B 209 13.23 -15.92 5.93
C VAL B 209 12.72 -15.78 7.34
N VAL B 210 12.79 -16.88 8.10
CA VAL B 210 12.35 -16.90 9.49
C VAL B 210 13.58 -17.06 10.40
N THR B 211 14.06 -15.92 10.89
CA THR B 211 15.25 -15.85 11.76
C THR B 211 14.87 -15.93 13.24
N PRO B 212 15.82 -16.20 14.14
CA PRO B 212 15.57 -16.34 15.57
C PRO B 212 15.03 -15.06 16.15
N ARG B 213 14.69 -14.05 15.37
CA ARG B 213 14.16 -12.77 15.91
C ARG B 213 12.63 -12.71 15.81
N PHE B 214 12.03 -13.79 15.33
CA PHE B 214 10.58 -13.85 15.11
C PHE B 214 9.86 -14.84 16.03
N LEU B 215 8.66 -14.41 16.38
CA LEU B 215 7.67 -15.19 17.14
C LEU B 215 6.61 -15.62 16.13
N CYS B 216 6.11 -16.82 16.27
CA CYS B 216 5.13 -17.35 15.31
C CYS B 216 3.76 -17.61 15.96
N THR B 217 2.75 -17.04 15.34
CA THR B 217 1.35 -17.22 15.77
C THR B 217 0.50 -17.64 14.59
N GLY B 218 -0.81 -17.82 14.81
CA GLY B 218 -1.69 -18.22 13.73
C GLY B 218 -1.80 -19.72 13.61
N GLY B 219 -2.70 -20.18 12.74
CA GLY B 219 -2.89 -21.62 12.58
C GLY B 219 -4.19 -22.03 13.26
N VAL B 220 -4.47 -23.34 13.31
CA VAL B 220 -5.68 -23.84 13.95
C VAL B 220 -5.36 -24.78 15.11
N SER B 221 -4.08 -24.91 15.40
CA SER B 221 -3.60 -25.76 16.48
C SER B 221 -2.66 -24.95 17.38
N PRO B 222 -2.88 -24.96 18.70
CA PRO B 222 -3.90 -25.67 19.50
C PRO B 222 -5.32 -25.13 19.33
N TYR B 223 -5.43 -23.90 18.81
CA TYR B 223 -6.72 -23.28 18.60
C TYR B 223 -6.69 -22.46 17.30
N ALA B 224 -7.89 -22.10 16.86
CA ALA B 224 -8.08 -21.30 15.61
C ALA B 224 -7.80 -19.82 15.89
N ASP B 225 -6.54 -19.47 15.72
CA ASP B 225 -6.02 -18.12 15.99
C ASP B 225 -6.43 -17.08 14.94
N PRO B 226 -7.00 -15.94 15.34
CA PRO B 226 -7.28 -14.87 14.40
C PRO B 226 -5.99 -14.40 13.81
N ASN B 227 -6.06 -13.72 12.67
CA ASN B 227 -4.87 -13.21 11.97
C ASN B 227 -4.88 -11.67 11.92
N THR B 228 -3.68 -11.10 11.91
CA THR B 228 -3.50 -9.64 11.86
C THR B 228 -4.02 -9.08 10.53
N CYS B 229 -4.60 -7.88 10.58
CA CYS B 229 -5.11 -7.23 9.39
C CYS B 229 -4.00 -6.35 8.84
N ARG B 230 -4.11 -6.00 7.57
CA ARG B 230 -3.12 -5.13 6.95
C ARG B 230 -2.82 -3.93 7.85
N GLY B 231 -3.86 -3.22 8.23
CA GLY B 231 -3.69 -2.05 9.06
C GLY B 231 -3.12 -2.26 10.45
N ASP B 232 -3.12 -3.51 10.93
CA ASP B 232 -2.58 -3.80 12.28
C ASP B 232 -1.06 -3.90 12.32
N SER B 233 -0.44 -4.07 11.16
CA SER B 233 1.01 -4.21 11.07
C SER B 233 1.75 -3.17 11.93
N GLY B 234 2.78 -3.61 12.63
CA GLY B 234 3.56 -2.72 13.47
C GLY B 234 3.10 -2.66 14.92
N GLY B 235 1.85 -3.05 15.16
CA GLY B 235 1.30 -3.04 16.50
C GLY B 235 1.95 -4.06 17.43
N PRO B 236 1.83 -3.85 18.75
CA PRO B 236 2.39 -4.74 19.75
C PRO B 236 1.68 -6.09 19.82
N LEU B 237 2.50 -7.10 20.09
CA LEU B 237 2.02 -8.46 20.40
C LEU B 237 2.17 -8.54 21.92
N ILE B 238 1.05 -8.70 22.60
CA ILE B 238 1.06 -8.60 24.06
C ILE B 238 0.70 -9.88 24.82
N VAL B 239 1.34 -9.98 25.97
CA VAL B 239 1.09 -11.04 26.97
C VAL B 239 0.38 -10.39 28.15
N HIS B 240 -0.82 -10.87 28.45
CA HIS B 240 -1.66 -10.35 29.53
C HIS B 240 -1.44 -11.24 30.76
N LYS B 241 -0.80 -10.69 31.80
CA LYS B 241 -0.52 -11.40 33.04
C LYS B 241 -0.74 -10.50 34.26
N ARG B 242 -1.24 -11.07 35.35
CA ARG B 242 -1.50 -10.33 36.58
C ARG B 242 -2.18 -8.99 36.32
N SER B 243 -3.15 -9.00 35.40
CA SER B 243 -3.90 -7.81 35.06
C SER B 243 -3.05 -6.68 34.50
N ARG B 244 -1.94 -7.04 33.86
CA ARG B 244 -1.05 -6.05 33.26
C ARG B 244 -0.69 -6.47 31.84
N PHE B 245 -0.40 -5.49 30.98
CA PHE B 245 -0.07 -5.78 29.60
C PHE B 245 1.41 -5.53 29.32
N ILE B 246 2.07 -6.60 28.87
CA ILE B 246 3.50 -6.57 28.57
C ILE B 246 3.73 -6.84 27.09
N GLN B 247 4.35 -5.92 26.37
CA GLN B 247 4.61 -6.12 24.95
C GLN B 247 5.82 -7.03 24.75
N VAL B 248 5.63 -8.13 24.03
CA VAL B 248 6.70 -9.07 23.76
C VAL B 248 7.15 -9.04 22.30
N GLY B 249 6.33 -8.50 21.42
CA GLY B 249 6.73 -8.45 20.02
C GLY B 249 6.12 -7.32 19.20
N VAL B 250 6.55 -7.23 17.93
CA VAL B 250 6.04 -6.23 16.98
C VAL B 250 5.54 -7.00 15.76
N ILE B 251 4.27 -6.81 15.43
CA ILE B 251 3.67 -7.48 14.27
C ILE B 251 4.47 -7.05 13.07
N SER B 252 4.99 -8.01 12.30
CA SER B 252 5.83 -7.69 11.14
C SER B 252 5.32 -8.17 9.81
N TRP B 253 5.04 -9.47 9.69
CA TRP B 253 4.52 -10.02 8.45
C TRP B 253 3.70 -11.30 8.67
N GLY B 254 3.21 -11.87 7.59
CA GLY B 254 2.42 -13.08 7.71
C GLY B 254 2.14 -13.73 6.38
N VAL B 255 1.45 -14.85 6.42
CA VAL B 255 1.12 -15.60 5.21
C VAL B 255 -0.04 -15.00 4.43
N VAL B 256 -1.11 -14.63 5.12
CA VAL B 256 -2.28 -14.07 4.44
C VAL B 256 -3.05 -13.09 5.33
N ASP B 257 -3.77 -12.17 4.61
CA ASP B 257 -4.61 -11.19 5.29
C ASP B 257 -6.06 -11.64 5.05
N VAL B 258 -6.73 -12.10 6.10
CA VAL B 258 -8.11 -12.58 5.94
C VAL B 258 -9.16 -11.52 6.25
N CYS B 259 -8.77 -10.47 6.93
CA CYS B 259 -9.70 -9.37 7.12
C CYS B 259 -9.98 -8.87 5.71
N LYS B 260 -8.87 -8.88 5.00
CA LYS B 260 -8.76 -8.51 3.59
C LYS B 260 -9.33 -7.11 3.35
N VAL B 268 -5.52 -22.02 2.49
CA VAL B 268 -5.52 -23.12 3.47
C VAL B 268 -5.28 -22.52 4.87
N PRO B 269 -6.27 -22.52 5.79
CA PRO B 269 -6.25 -21.85 7.06
C PRO B 269 -5.14 -22.38 7.89
N ALA B 270 -4.89 -23.66 7.95
CA ALA B 270 -3.84 -24.26 8.79
C ALA B 270 -2.48 -23.60 8.51
N HIS B 271 -2.43 -22.87 7.41
CA HIS B 271 -1.20 -22.21 6.93
C HIS B 271 -1.12 -20.72 7.30
N ALA B 272 -2.19 -20.20 7.84
CA ALA B 272 -2.30 -18.76 8.17
C ALA B 272 -1.47 -18.36 9.39
N ARG B 273 -0.16 -18.20 9.20
CA ARG B 273 0.74 -17.83 10.29
C ARG B 273 1.17 -16.37 10.21
N ASP B 274 1.37 -15.75 11.37
CA ASP B 274 1.83 -14.36 11.44
C ASP B 274 3.16 -14.33 12.19
N PHE B 275 4.05 -13.44 11.79
CA PHE B 275 5.36 -13.34 12.41
C PHE B 275 5.58 -11.99 13.06
N HIS B 276 6.20 -12.02 14.24
CA HIS B 276 6.43 -10.82 15.02
C HIS B 276 7.87 -10.78 15.52
N ILE B 277 8.46 -9.59 15.52
CA ILE B 277 9.82 -9.45 16.03
C ILE B 277 9.76 -9.60 17.54
N ASN B 278 10.49 -10.57 18.05
CA ASN B 278 10.57 -10.86 19.48
C ASN B 278 11.40 -9.77 20.14
N LEU B 279 10.78 -8.94 20.97
CA LEU B 279 11.50 -7.84 21.61
C LEU B 279 12.67 -8.29 22.50
N PHE B 280 12.64 -9.54 22.97
CA PHE B 280 13.74 -10.03 23.80
C PHE B 280 14.98 -10.16 22.92
N GLN B 281 14.78 -10.19 21.61
CA GLN B 281 15.88 -10.33 20.66
C GLN B 281 16.43 -9.03 20.10
N VAL B 282 15.95 -7.88 20.59
CA VAL B 282 16.45 -6.59 20.14
C VAL B 282 16.58 -5.63 21.32
N LEU B 283 16.99 -6.21 22.44
CA LEU B 283 17.13 -5.47 23.70
C LEU B 283 18.29 -4.46 23.65
N PRO B 284 19.49 -4.79 23.15
CA PRO B 284 20.57 -3.82 23.14
C PRO B 284 20.14 -2.56 22.45
N TRP B 285 19.37 -2.66 21.36
CA TRP B 285 18.90 -1.48 20.60
C TRP B 285 17.94 -0.66 21.46
N LEU B 286 16.93 -1.33 22.00
CA LEU B 286 15.88 -0.70 22.85
C LEU B 286 16.51 -0.02 24.07
N LYS B 287 17.33 -0.76 24.80
CA LYS B 287 17.98 -0.24 26.00
C LYS B 287 18.78 1.02 25.70
N GLU B 288 19.46 1.04 24.56
CA GLU B 288 20.26 2.21 24.18
C GLU B 288 19.41 3.41 23.76
N LYS B 289 18.42 3.17 22.90
CA LYS B 289 17.60 4.28 22.43
C LYS B 289 16.64 4.87 23.45
N LEU B 290 16.21 4.05 24.41
CA LEU B 290 15.26 4.50 25.43
C LEU B 290 15.93 4.69 26.79
N GLN B 291 17.26 4.78 26.80
CA GLN B 291 18.01 4.93 28.04
C GLN B 291 17.70 6.17 28.87
N ASP B 292 17.03 7.15 28.27
CA ASP B 292 16.69 8.39 28.97
C ASP B 292 15.22 8.44 29.39
N GLU B 293 14.44 7.41 29.03
CA GLU B 293 13.01 7.40 29.34
C GLU B 293 12.60 6.90 30.71
N ASP B 294 13.57 6.69 31.59
CA ASP B 294 13.29 6.24 32.94
C ASP B 294 12.36 5.01 32.98
N LEU B 295 12.71 3.99 32.20
CA LEU B 295 11.93 2.75 32.15
C LEU B 295 12.67 1.70 32.97
N GLY B 296 13.88 2.05 33.41
CA GLY B 296 14.66 1.13 34.22
C GLY B 296 14.96 -0.23 33.62
N PHE B 297 15.69 -0.23 32.51
CA PHE B 297 16.09 -1.48 31.87
C PHE B 297 17.13 -2.20 32.71
N LEU B 298 17.01 -3.52 32.79
CA LEU B 298 17.94 -4.35 33.54
C LEU B 298 19.28 -4.48 32.82
#